data_8ZAM
#
_entry.id   8ZAM
#
loop_
_entity.id
_entity.type
_entity.pdbx_description
1 polymer 'Archaeal-type opsin 2'
2 non-polymer '(1S)-2-{[(S)-(2-aminoethoxy)(hydroxy)phosphoryl]oxy}-1-[(octadecanoyloxy)methyl]ethyl (9Z)-octadec-9-enoate'
#
_entity_poly.entity_id   1
_entity_poly.type   'polypeptide(L)'
_entity_poly.pdbx_seq_one_letter_code
;MDYGGALSAVGRELLFVTNPVVVNGSVLVPEDQCYCAGWIESRGTNGAQTASNVLQWLAAGFSILLLMFYAYQTWKSTCG
WEEIYVCAIEMVKVILEFFFEFKNPSMLYLATGHRVQWLRYAEWLLTCPVILIHLSNLTGLSNDYSRRTMGLLVSDIGTI
VWGATSAMATGYVKVIFFCLGLCYGANTFFHAAKAYIEGYHTVPKGRCRQVVTGMAWLFFVSWGMFPILFILGPEGFGVL
SVYGSTVGHTIIDLMSKNCWGLLGHYLRVLIHEHILIHGDIRKTTKLNIGGTEIEVETLVEDEAEAGAVNKGTGK
;
_entity_poly.pdbx_strand_id   A,B
#
loop_
_chem_comp.id
_chem_comp.type
_chem_comp.name
_chem_comp.formula
L9Q non-polymer '(1S)-2-{[(S)-(2-aminoethoxy)(hydroxy)phosphoryl]oxy}-1-[(octadecanoyloxy)methyl]ethyl (9Z)-octadec-9-enoate' 'C41 H80 N O8 P'
#
# COMPACT_ATOMS: atom_id res chain seq x y z
N CYS A 34 -10.54 18.47 23.21
CA CYS A 34 -10.05 18.75 21.86
C CYS A 34 -11.01 19.66 21.11
N TYR A 35 -10.67 20.95 21.02
CA TYR A 35 -11.56 21.91 20.36
C TYR A 35 -11.12 22.08 18.93
N CYS A 36 -9.93 22.64 18.66
CA CYS A 36 -9.36 22.76 17.32
C CYS A 36 -10.35 23.28 16.28
N ALA A 37 -10.72 24.56 16.36
CA ALA A 37 -11.81 25.13 15.57
C ALA A 37 -11.73 24.82 14.08
N GLY A 38 -10.60 24.35 13.58
CA GLY A 38 -10.53 23.92 12.20
C GLY A 38 -11.22 22.62 11.89
N TRP A 39 -11.77 21.95 12.91
CA TRP A 39 -12.45 20.67 12.70
C TRP A 39 -13.91 20.86 12.31
N ILE A 40 -14.58 21.87 12.89
CA ILE A 40 -16.00 22.07 12.65
C ILE A 40 -16.21 22.64 11.24
N GLU A 41 -15.65 23.83 10.97
CA GLU A 41 -15.69 24.48 9.66
C GLU A 41 -17.02 24.29 8.94
N SER A 42 -16.94 23.85 7.68
CA SER A 42 -18.13 23.55 6.90
C SER A 42 -17.73 22.55 5.82
N ARG A 43 -18.55 21.51 5.65
CA ARG A 43 -18.23 20.48 4.67
C ARG A 43 -18.80 20.79 3.29
N GLY A 44 -19.83 21.61 3.21
CA GLY A 44 -20.45 21.88 1.94
C GLY A 44 -21.49 22.97 2.03
N THR A 45 -22.40 22.98 1.04
CA THR A 45 -23.41 24.02 0.91
C THR A 45 -24.82 23.45 0.88
N ASN A 46 -24.98 22.22 1.36
CA ASN A 46 -26.27 21.53 1.46
C ASN A 46 -26.79 21.14 0.07
N GLY A 47 -26.13 21.60 -0.98
CA GLY A 47 -26.42 21.10 -2.31
C GLY A 47 -25.34 20.16 -2.79
N ALA A 48 -24.08 20.48 -2.49
CA ALA A 48 -23.00 19.53 -2.68
C ALA A 48 -23.20 18.29 -1.80
N GLN A 49 -23.75 18.48 -0.59
CA GLN A 49 -24.07 17.35 0.26
C GLN A 49 -25.13 16.45 -0.39
N THR A 50 -26.17 17.06 -0.96
CA THR A 50 -27.20 16.28 -1.63
C THR A 50 -26.65 15.55 -2.83
N ALA A 51 -25.82 16.23 -3.63
CA ALA A 51 -25.20 15.57 -4.78
C ALA A 51 -24.30 14.43 -4.33
N SER A 52 -23.57 14.63 -3.24
CA SER A 52 -22.70 13.57 -2.72
C SER A 52 -23.50 12.36 -2.27
N ASN A 53 -24.62 12.60 -1.57
CA ASN A 53 -25.45 11.49 -1.12
C ASN A 53 -26.06 10.75 -2.31
N VAL A 54 -26.53 11.49 -3.32
CA VAL A 54 -27.13 10.86 -4.49
C VAL A 54 -26.09 10.04 -5.23
N LEU A 55 -24.88 10.59 -5.41
CA LEU A 55 -23.83 9.85 -6.09
C LEU A 55 -23.35 8.66 -5.28
N GLN A 56 -23.36 8.77 -3.94
CA GLN A 56 -23.04 7.61 -3.11
C GLN A 56 -24.08 6.51 -3.27
N TRP A 57 -25.37 6.87 -3.31
CA TRP A 57 -26.39 5.87 -3.57
C TRP A 57 -26.23 5.24 -4.94
N LEU A 58 -25.94 6.05 -5.96
CA LEU A 58 -25.73 5.51 -7.30
C LEU A 58 -24.53 4.58 -7.35
N ALA A 59 -23.43 4.96 -6.69
CA ALA A 59 -22.25 4.12 -6.65
C ALA A 59 -22.51 2.82 -5.90
N ALA A 60 -23.26 2.90 -4.80
CA ALA A 60 -23.62 1.69 -4.05
C ALA A 60 -24.48 0.76 -4.90
N GLY A 61 -25.47 1.31 -5.60
CA GLY A 61 -26.30 0.49 -6.46
C GLY A 61 -25.52 -0.14 -7.59
N PHE A 62 -24.64 0.65 -8.23
CA PHE A 62 -23.82 0.12 -9.31
C PHE A 62 -22.88 -0.96 -8.83
N SER A 63 -22.25 -0.75 -7.67
CA SER A 63 -21.35 -1.75 -7.11
C SER A 63 -22.10 -3.02 -6.74
N ILE A 64 -23.29 -2.89 -6.16
CA ILE A 64 -24.08 -4.06 -5.79
C ILE A 64 -24.50 -4.84 -7.03
N LEU A 65 -24.99 -4.12 -8.06
CA LEU A 65 -25.39 -4.79 -9.29
C LEU A 65 -24.21 -5.45 -9.98
N LEU A 66 -23.05 -4.78 -9.98
CA LEU A 66 -21.86 -5.38 -10.57
C LEU A 66 -21.39 -6.58 -9.77
N LEU A 67 -21.60 -6.58 -8.46
CA LEU A 67 -21.24 -7.72 -7.65
C LEU A 67 -22.14 -8.92 -7.94
N MET A 68 -23.44 -8.69 -8.09
CA MET A 68 -24.31 -9.79 -8.52
C MET A 68 -23.93 -10.28 -9.91
N PHE A 69 -23.60 -9.36 -10.82
CA PHE A 69 -23.20 -9.76 -12.16
C PHE A 69 -21.92 -10.58 -12.13
N TYR A 70 -20.95 -10.19 -11.32
CA TYR A 70 -19.71 -10.94 -11.21
C TYR A 70 -19.92 -12.29 -10.54
N ALA A 71 -20.82 -12.37 -9.56
CA ALA A 71 -21.16 -13.66 -8.97
C ALA A 71 -21.79 -14.58 -10.00
N TYR A 72 -22.71 -14.05 -10.81
CA TYR A 72 -23.31 -14.84 -11.87
C TYR A 72 -22.26 -15.29 -12.88
N GLN A 73 -21.34 -14.40 -13.25
CA GLN A 73 -20.31 -14.75 -14.21
C GLN A 73 -19.38 -15.82 -13.65
N THR A 74 -18.96 -15.69 -12.39
CA THR A 74 -18.14 -16.74 -11.77
C THR A 74 -18.90 -18.06 -11.73
N TRP A 75 -20.22 -18.00 -11.58
CA TRP A 75 -21.02 -19.23 -11.61
C TRP A 75 -21.04 -19.84 -13.01
N LYS A 76 -21.30 -19.02 -14.02
CA LYS A 76 -21.50 -19.54 -15.38
C LYS A 76 -20.26 -19.35 -16.25
N SER A 77 -19.83 -18.10 -16.43
CA SER A 77 -18.75 -17.76 -17.35
C SER A 77 -17.41 -17.74 -16.63
N THR A 78 -16.40 -17.13 -17.28
CA THR A 78 -15.12 -16.86 -16.62
C THR A 78 -15.21 -15.47 -16.00
N CYS A 79 -14.59 -15.31 -14.82
CA CYS A 79 -14.52 -14.03 -14.14
C CYS A 79 -13.22 -13.95 -13.36
N GLY A 80 -12.61 -12.77 -13.39
CA GLY A 80 -11.37 -12.54 -12.69
C GLY A 80 -11.58 -12.07 -11.27
N TRP A 81 -10.59 -12.34 -10.41
CA TRP A 81 -10.69 -11.93 -9.02
C TRP A 81 -10.48 -10.44 -8.85
N GLU A 82 -9.81 -9.78 -9.81
CA GLU A 82 -9.48 -8.38 -9.66
C GLU A 82 -10.73 -7.51 -9.66
N GLU A 83 -11.61 -7.71 -10.65
CA GLU A 83 -12.82 -6.91 -10.73
C GLU A 83 -13.73 -7.17 -9.53
N ILE A 84 -13.83 -8.43 -9.09
CA ILE A 84 -14.67 -8.75 -7.94
C ILE A 84 -14.12 -8.09 -6.68
N TYR A 85 -12.81 -8.17 -6.47
CA TYR A 85 -12.20 -7.56 -5.30
C TYR A 85 -12.39 -6.06 -5.31
N VAL A 86 -12.15 -5.43 -6.46
CA VAL A 86 -12.28 -3.97 -6.55
C VAL A 86 -13.71 -3.55 -6.30
N CYS A 87 -14.68 -4.29 -6.86
CA CYS A 87 -16.08 -3.97 -6.65
C CYS A 87 -16.48 -4.14 -5.20
N ALA A 88 -16.02 -5.21 -4.55
CA ALA A 88 -16.35 -5.42 -3.14
C ALA A 88 -15.78 -4.30 -2.27
N ILE A 89 -14.52 -3.94 -2.51
CA ILE A 89 -13.91 -2.86 -1.74
C ILE A 89 -14.63 -1.54 -2.00
N GLU A 90 -15.03 -1.30 -3.24
CA GLU A 90 -15.75 -0.07 -3.57
C GLU A 90 -17.11 -0.03 -2.89
N MET A 91 -17.81 -1.17 -2.85
CA MET A 91 -19.10 -1.23 -2.18
C MET A 91 -18.96 -0.95 -0.69
N VAL A 92 -17.96 -1.57 -0.05
CA VAL A 92 -17.74 -1.34 1.37
C VAL A 92 -17.37 0.11 1.62
N LYS A 93 -16.51 0.67 0.77
CA LYS A 93 -16.09 2.06 0.91
C LYS A 93 -17.27 3.01 0.74
N VAL A 94 -18.15 2.72 -0.21
CA VAL A 94 -19.29 3.59 -0.45
C VAL A 94 -20.27 3.52 0.72
N ILE A 95 -20.47 2.33 1.28
CA ILE A 95 -21.33 2.21 2.46
C ILE A 95 -20.76 3.01 3.63
N LEU A 96 -19.45 2.85 3.88
CA LEU A 96 -18.83 3.60 4.97
C LEU A 96 -18.79 5.10 4.68
N GLU A 97 -18.78 5.48 3.41
CA GLU A 97 -18.77 6.90 3.06
C GLU A 97 -20.14 7.52 3.26
N PHE A 98 -21.19 6.76 2.95
CA PHE A 98 -22.54 7.27 3.22
C PHE A 98 -22.82 7.33 4.71
N PHE A 99 -22.28 6.38 5.48
CA PHE A 99 -22.66 6.31 6.89
C PHE A 99 -21.72 7.11 7.81
N PHE A 100 -20.41 6.85 7.75
CA PHE A 100 -19.46 7.42 8.69
C PHE A 100 -18.28 8.05 7.96
N GLU A 101 -18.56 8.89 6.95
CA GLU A 101 -17.48 9.53 6.22
C GLU A 101 -16.75 10.59 7.04
N PHE A 102 -17.44 11.25 7.96
CA PHE A 102 -16.88 12.31 8.78
C PHE A 102 -16.58 11.84 10.19
N LYS A 103 -16.57 10.53 10.41
CA LYS A 103 -16.22 9.92 11.69
C LYS A 103 -14.75 9.54 11.67
N ASN A 104 -14.20 9.31 12.87
CA ASN A 104 -12.75 9.24 13.07
C ASN A 104 -12.02 8.26 12.15
N PRO A 105 -12.45 6.99 12.04
CA PRO A 105 -11.70 6.08 11.16
C PRO A 105 -11.64 6.52 9.71
N SER A 106 -12.72 7.11 9.21
CA SER A 106 -12.75 7.56 7.82
C SER A 106 -12.23 8.98 7.66
N MET A 107 -12.42 9.82 8.67
CA MET A 107 -11.96 11.20 8.65
C MET A 107 -11.07 11.43 9.87
N LEU A 108 -9.77 11.57 9.64
CA LEU A 108 -8.84 11.96 10.69
C LEU A 108 -8.85 13.48 10.79
N TYR A 109 -8.96 14.00 12.01
CA TYR A 109 -9.19 15.43 12.15
C TYR A 109 -7.90 16.20 12.41
N LEU A 110 -6.91 15.55 13.03
CA LEU A 110 -5.53 16.06 13.11
C LEU A 110 -5.39 17.30 14.00
N ALA A 111 -4.25 17.41 14.68
CA ALA A 111 -3.98 18.58 15.50
C ALA A 111 -3.77 19.83 14.67
N THR A 112 -3.53 19.67 13.36
CA THR A 112 -3.26 20.82 12.50
C THR A 112 -4.54 21.50 12.03
N GLY A 113 -5.70 20.94 12.37
CA GLY A 113 -6.96 21.46 11.89
C GLY A 113 -7.41 20.95 10.53
N HIS A 114 -6.70 19.98 9.96
CA HIS A 114 -6.98 19.46 8.64
C HIS A 114 -7.72 18.13 8.77
N ARG A 115 -8.91 18.04 8.18
CA ARG A 115 -9.67 16.81 8.19
C ARG A 115 -9.21 15.95 7.02
N VAL A 116 -8.50 14.87 7.34
CA VAL A 116 -7.92 14.00 6.32
C VAL A 116 -8.89 12.85 6.06
N GLN A 117 -9.21 12.65 4.78
CA GLN A 117 -10.11 11.57 4.36
C GLN A 117 -9.30 10.27 4.28
N TRP A 118 -9.09 9.65 5.44
CA TRP A 118 -8.31 8.41 5.47
C TRP A 118 -9.00 7.31 4.69
N LEU A 119 -10.32 7.30 4.68
CA LEU A 119 -11.05 6.26 3.93
C LEU A 119 -10.67 6.29 2.46
N ARG A 120 -10.53 7.48 1.89
CA ARG A 120 -10.15 7.62 0.48
C ARG A 120 -8.82 6.96 0.20
N TYR A 121 -7.80 7.28 1.00
CA TYR A 121 -6.46 6.76 0.73
C TYR A 121 -6.32 5.28 1.09
N ALA A 122 -7.03 4.83 2.12
CA ALA A 122 -7.07 3.40 2.42
C ALA A 122 -7.70 2.61 1.28
N GLU A 123 -8.81 3.12 0.76
CA GLU A 123 -9.46 2.46 -0.38
C GLU A 123 -8.55 2.52 -1.62
N TRP A 124 -7.82 3.62 -1.79
CA TRP A 124 -6.85 3.68 -2.88
C TRP A 124 -5.80 2.59 -2.74
N LEU A 125 -5.21 2.48 -1.55
CA LEU A 125 -4.22 1.44 -1.30
C LEU A 125 -4.79 0.04 -1.51
N LEU A 126 -6.06 -0.16 -1.21
CA LEU A 126 -6.71 -1.46 -1.40
C LEU A 126 -7.03 -1.77 -2.85
N THR A 127 -7.42 -0.76 -3.65
CA THR A 127 -7.94 -1.01 -4.99
C THR A 127 -6.91 -0.75 -6.08
N CYS A 128 -6.26 0.42 -6.06
CA CYS A 128 -5.36 0.79 -7.16
C CYS A 128 -4.27 -0.24 -7.43
N PRO A 129 -3.59 -0.82 -6.41
CA PRO A 129 -2.69 -1.94 -6.73
C PRO A 129 -3.39 -3.09 -7.42
N VAL A 130 -4.63 -3.41 -7.01
CA VAL A 130 -5.36 -4.48 -7.69
C VAL A 130 -5.75 -4.06 -9.10
N ILE A 131 -6.07 -2.77 -9.30
CA ILE A 131 -6.36 -2.28 -10.64
C ILE A 131 -5.14 -2.43 -11.54
N LEU A 132 -3.94 -2.17 -11.01
CA LEU A 132 -2.73 -2.35 -11.81
C LEU A 132 -2.33 -3.80 -11.99
N ILE A 133 -2.65 -4.67 -11.03
CA ILE A 133 -2.52 -6.11 -11.24
C ILE A 133 -3.46 -6.60 -12.33
N HIS A 134 -4.65 -6.01 -12.44
CA HIS A 134 -5.53 -6.22 -13.58
C HIS A 134 -4.98 -5.62 -14.87
N LEU A 135 -4.32 -4.47 -14.78
CA LEU A 135 -3.72 -3.83 -15.96
C LEU A 135 -2.65 -4.73 -16.56
N SER A 136 -1.74 -5.23 -15.73
CA SER A 136 -0.92 -6.36 -16.14
C SER A 136 -1.83 -7.56 -16.34
N ASN A 137 -1.50 -8.39 -17.33
CA ASN A 137 -2.35 -9.52 -17.68
C ASN A 137 -3.77 -9.08 -17.99
N LEU A 138 -3.87 -8.15 -18.96
CA LEU A 138 -5.17 -7.68 -19.42
C LEU A 138 -6.00 -8.84 -19.94
N THR A 139 -5.42 -9.66 -20.80
CA THR A 139 -6.01 -10.93 -21.21
C THR A 139 -5.80 -11.91 -20.06
N GLY A 140 -6.89 -12.32 -19.41
CA GLY A 140 -6.76 -13.14 -18.22
C GLY A 140 -6.29 -14.55 -18.54
N LEU A 141 -5.13 -14.65 -19.16
CA LEU A 141 -4.58 -15.92 -19.61
C LEU A 141 -3.18 -16.19 -19.07
N SER A 142 -2.34 -15.17 -18.99
CA SER A 142 -0.98 -15.35 -18.50
C SER A 142 -0.99 -15.53 -16.99
N ASN A 143 -0.36 -16.60 -16.51
CA ASN A 143 -0.28 -16.87 -15.09
C ASN A 143 0.83 -16.10 -14.40
N ASP A 144 1.86 -15.69 -15.14
CA ASP A 144 3.01 -15.02 -14.56
C ASP A 144 2.93 -13.52 -14.76
N TYR A 145 3.73 -12.80 -13.97
CA TYR A 145 3.79 -11.34 -14.01
C TYR A 145 5.25 -10.90 -14.08
N SER A 146 5.53 -9.94 -14.95
CA SER A 146 6.90 -9.51 -15.19
C SER A 146 7.34 -8.54 -14.09
N ARG A 147 8.61 -8.13 -14.14
CA ARG A 147 9.12 -7.14 -13.19
C ARG A 147 8.56 -5.75 -13.44
N ARG A 148 8.06 -5.48 -14.64
CA ARG A 148 7.37 -4.23 -14.90
C ARG A 148 6.13 -4.09 -14.03
N THR A 149 5.41 -5.19 -13.81
CA THR A 149 4.28 -5.18 -12.88
C THR A 149 4.75 -4.85 -11.48
N MET A 150 5.90 -5.41 -11.08
CA MET A 150 6.43 -5.14 -9.75
C MET A 150 6.75 -3.67 -9.58
N GLY A 151 7.40 -3.07 -10.59
CA GLY A 151 7.66 -1.64 -10.54
C GLY A 151 6.40 -0.81 -10.53
N LEU A 152 5.41 -1.22 -11.32
CA LEU A 152 4.11 -0.57 -11.33
C LEU A 152 3.52 -0.53 -9.92
N LEU A 153 3.48 -1.68 -9.26
CA LEU A 153 2.87 -1.76 -7.93
C LEU A 153 3.66 -0.96 -6.92
N VAL A 154 5.00 -1.04 -6.97
CA VAL A 154 5.81 -0.30 -6.01
C VAL A 154 5.60 1.20 -6.19
N SER A 155 5.60 1.66 -7.45
CA SER A 155 5.38 3.08 -7.71
C SER A 155 3.99 3.53 -7.30
N ASP A 156 2.97 2.70 -7.51
CA ASP A 156 1.62 3.09 -7.14
C ASP A 156 1.44 3.14 -5.63
N ILE A 157 1.98 2.15 -4.92
CA ILE A 157 1.93 2.18 -3.45
C ILE A 157 2.66 3.41 -2.94
N GLY A 158 3.81 3.71 -3.53
CA GLY A 158 4.54 4.90 -3.13
C GLY A 158 3.76 6.18 -3.38
N THR A 159 3.11 6.27 -4.53
CA THR A 159 2.39 7.50 -4.86
C THR A 159 1.16 7.68 -3.97
N ILE A 160 0.49 6.58 -3.60
CA ILE A 160 -0.62 6.70 -2.67
C ILE A 160 -0.11 7.07 -1.27
N VAL A 161 1.03 6.51 -0.88
CA VAL A 161 1.61 6.84 0.43
C VAL A 161 1.97 8.32 0.49
N TRP A 162 2.60 8.83 -0.57
CA TRP A 162 2.97 10.24 -0.59
C TRP A 162 1.76 11.14 -0.70
N GLY A 163 0.71 10.70 -1.40
CA GLY A 163 -0.53 11.48 -1.42
C GLY A 163 -1.17 11.58 -0.06
N ALA A 164 -1.21 10.46 0.67
CA ALA A 164 -1.75 10.48 2.04
C ALA A 164 -0.90 11.37 2.94
N THR A 165 0.43 11.25 2.83
CA THR A 165 1.32 12.07 3.65
C THR A 165 1.14 13.55 3.33
N SER A 166 0.96 13.88 2.05
CA SER A 166 0.70 15.26 1.66
C SER A 166 -0.63 15.74 2.21
N ALA A 167 -1.64 14.87 2.23
CA ALA A 167 -2.92 15.23 2.81
C ALA A 167 -2.79 15.53 4.30
N MET A 168 -1.91 14.82 5.00
CA MET A 168 -1.71 15.04 6.43
C MET A 168 -0.55 15.98 6.75
N ALA A 169 0.10 16.58 5.74
CA ALA A 169 1.40 17.20 5.98
C ALA A 169 1.31 18.71 6.22
N THR A 170 0.22 19.34 5.81
CA THR A 170 -0.12 20.74 6.14
C THR A 170 1.01 21.76 5.98
N GLY A 171 1.43 22.02 4.74
CA GLY A 171 2.31 23.15 4.49
C GLY A 171 3.30 22.95 3.36
N TYR A 172 4.53 23.43 3.55
CA TYR A 172 5.59 23.14 2.60
C TYR A 172 5.95 21.66 2.58
N VAL A 173 5.77 20.98 3.71
CA VAL A 173 5.90 19.53 3.72
C VAL A 173 4.82 18.89 2.87
N LYS A 174 3.62 19.48 2.86
CA LYS A 174 2.56 19.00 1.97
C LYS A 174 2.98 19.14 0.51
N VAL A 175 3.59 20.27 0.16
CA VAL A 175 4.05 20.47 -1.22
C VAL A 175 5.15 19.48 -1.56
N ILE A 176 6.08 19.25 -0.63
CA ILE A 176 7.18 18.33 -0.88
C ILE A 176 6.66 16.92 -1.11
N PHE A 177 5.73 16.48 -0.26
CA PHE A 177 5.20 15.13 -0.41
C PHE A 177 4.29 15.02 -1.62
N PHE A 178 3.60 16.10 -2.00
CA PHE A 178 2.83 16.09 -3.24
C PHE A 178 3.75 15.96 -4.45
N CYS A 179 4.90 16.63 -4.43
CA CYS A 179 5.85 16.48 -5.52
C CYS A 179 6.47 15.10 -5.56
N LEU A 180 6.74 14.51 -4.39
CA LEU A 180 7.19 13.12 -4.33
C LEU A 180 6.14 12.18 -4.93
N GLY A 181 4.88 12.39 -4.56
CA GLY A 181 3.80 11.61 -5.16
C GLY A 181 3.65 11.86 -6.64
N LEU A 182 3.94 13.08 -7.10
CA LEU A 182 3.91 13.36 -8.53
C LEU A 182 5.00 12.60 -9.27
N CYS A 183 6.20 12.52 -8.70
CA CYS A 183 7.25 11.73 -9.33
C CYS A 183 6.90 10.24 -9.35
N TYR A 184 6.42 9.72 -8.22
CA TYR A 184 6.02 8.31 -8.18
C TYR A 184 4.87 8.03 -9.14
N GLY A 185 3.91 8.94 -9.23
CA GLY A 185 2.80 8.75 -10.13
C GLY A 185 3.17 8.94 -11.58
N ALA A 186 4.19 9.74 -11.86
CA ALA A 186 4.72 9.82 -13.22
C ALA A 186 5.36 8.49 -13.62
N ASN A 187 6.11 7.89 -12.71
CA ASN A 187 6.64 6.55 -12.98
C ASN A 187 5.50 5.55 -13.17
N THR A 188 4.47 5.63 -12.32
CA THR A 188 3.32 4.73 -12.43
C THR A 188 2.61 4.92 -13.75
N PHE A 189 2.43 6.16 -14.19
CA PHE A 189 1.76 6.44 -15.46
C PHE A 189 2.59 5.96 -16.63
N PHE A 190 3.91 6.11 -16.58
CA PHE A 190 4.75 5.61 -17.65
C PHE A 190 4.65 4.09 -17.76
N HIS A 191 4.73 3.39 -16.63
CA HIS A 191 4.61 1.94 -16.65
C HIS A 191 3.21 1.49 -17.06
N ALA A 192 2.19 2.21 -16.63
CA ALA A 192 0.82 1.89 -17.02
C ALA A 192 0.61 2.10 -18.51
N ALA A 193 1.21 3.15 -19.07
CA ALA A 193 1.12 3.38 -20.51
C ALA A 193 1.82 2.27 -21.28
N LYS A 194 2.98 1.83 -20.79
CA LYS A 194 3.66 0.70 -21.43
C LYS A 194 2.79 -0.55 -21.36
N ALA A 195 2.18 -0.80 -20.20
CA ALA A 195 1.29 -1.97 -20.07
C ALA A 195 0.08 -1.86 -20.98
N TYR A 196 -0.47 -0.65 -21.15
CA TYR A 196 -1.62 -0.47 -22.03
C TYR A 196 -1.24 -0.68 -23.48
N ILE A 197 -0.07 -0.22 -23.90
CA ILE A 197 0.37 -0.47 -25.27
C ILE A 197 0.60 -1.97 -25.48
N GLU A 198 1.23 -2.63 -24.52
CA GLU A 198 1.45 -4.06 -24.63
C GLU A 198 0.13 -4.82 -24.70
N GLY A 199 -0.85 -4.43 -23.88
CA GLY A 199 -2.15 -5.06 -23.94
C GLY A 199 -2.87 -4.81 -25.25
N TYR A 200 -2.79 -3.57 -25.74
CA TYR A 200 -3.39 -3.22 -27.02
C TYR A 200 -2.82 -4.07 -28.15
N HIS A 201 -1.54 -4.41 -28.06
CA HIS A 201 -0.93 -5.17 -29.15
C HIS A 201 -1.11 -6.68 -28.98
N THR A 202 -1.15 -7.19 -27.75
CA THR A 202 -1.33 -8.63 -27.59
C THR A 202 -2.78 -9.04 -27.81
N VAL A 203 -3.71 -8.13 -27.57
CA VAL A 203 -5.15 -8.41 -27.63
C VAL A 203 -5.54 -8.61 -29.09
N PRO A 204 -6.57 -9.41 -29.38
CA PRO A 204 -6.98 -9.60 -30.78
C PRO A 204 -7.49 -8.32 -31.40
N LYS A 205 -7.30 -8.21 -32.71
CA LYS A 205 -7.80 -7.06 -33.45
C LYS A 205 -9.32 -7.10 -33.52
N GLY A 206 -9.94 -5.92 -33.38
CA GLY A 206 -11.39 -5.82 -33.40
C GLY A 206 -11.96 -5.13 -32.18
N ARG A 207 -13.03 -5.71 -31.62
CA ARG A 207 -13.65 -5.12 -30.44
C ARG A 207 -12.69 -5.08 -29.26
N CYS A 208 -11.77 -6.04 -29.20
CA CYS A 208 -10.87 -6.12 -28.04
C CYS A 208 -9.98 -4.89 -27.93
N ARG A 209 -9.44 -4.41 -29.06
CA ARG A 209 -8.59 -3.23 -29.00
C ARG A 209 -9.38 -1.95 -28.74
N GLN A 210 -10.62 -1.87 -29.20
CA GLN A 210 -11.46 -0.74 -28.81
C GLN A 210 -11.74 -0.75 -27.32
N VAL A 211 -11.98 -1.94 -26.75
CA VAL A 211 -12.18 -2.02 -25.31
C VAL A 211 -10.90 -1.64 -24.57
N VAL A 212 -9.75 -2.05 -25.08
CA VAL A 212 -8.48 -1.68 -24.46
C VAL A 212 -8.28 -0.17 -24.51
N THR A 213 -8.60 0.45 -25.66
CA THR A 213 -8.47 1.90 -25.78
C THR A 213 -9.41 2.63 -24.82
N GLY A 214 -10.65 2.14 -24.70
CA GLY A 214 -11.57 2.74 -23.73
C GLY A 214 -11.08 2.59 -22.30
N MET A 215 -10.53 1.42 -21.97
CA MET A 215 -9.94 1.21 -20.65
C MET A 215 -8.80 2.18 -20.41
N ALA A 216 -7.94 2.37 -21.41
CA ALA A 216 -6.83 3.32 -21.26
C ALA A 216 -7.33 4.73 -21.05
N TRP A 217 -8.34 5.13 -21.82
CA TRP A 217 -8.89 6.48 -21.67
C TRP A 217 -9.46 6.68 -20.27
N LEU A 218 -10.30 5.74 -19.81
CA LEU A 218 -10.88 5.84 -18.48
C LEU A 218 -9.80 5.88 -17.41
N PHE A 219 -8.84 4.96 -17.50
CA PHE A 219 -7.77 4.88 -16.53
C PHE A 219 -7.00 6.18 -16.44
N PHE A 220 -6.54 6.69 -17.58
CA PHE A 220 -5.68 7.87 -17.55
C PHE A 220 -6.46 9.11 -17.13
N VAL A 221 -7.70 9.27 -17.61
CA VAL A 221 -8.48 10.45 -17.23
C VAL A 221 -8.77 10.44 -15.74
N SER A 222 -9.25 9.32 -15.20
CA SER A 222 -9.60 9.29 -13.78
C SER A 222 -8.37 9.36 -12.89
N TRP A 223 -7.30 8.66 -13.26
CA TRP A 223 -6.09 8.68 -12.46
C TRP A 223 -5.32 9.99 -12.57
N GLY A 224 -5.57 10.77 -13.62
CA GLY A 224 -5.06 12.12 -13.66
C GLY A 224 -5.93 13.14 -12.97
N MET A 225 -7.23 12.85 -12.84
CA MET A 225 -8.10 13.68 -12.02
C MET A 225 -7.92 13.42 -10.53
N PHE A 226 -7.36 12.28 -10.15
CA PHE A 226 -7.03 12.08 -8.74
C PHE A 226 -6.11 13.17 -8.19
N PRO A 227 -4.96 13.49 -8.80
CA PRO A 227 -4.17 14.63 -8.28
C PRO A 227 -4.81 15.98 -8.54
N ILE A 228 -5.59 16.12 -9.60
CA ILE A 228 -6.32 17.36 -9.81
C ILE A 228 -7.32 17.60 -8.70
N LEU A 229 -8.05 16.55 -8.30
CA LEU A 229 -8.97 16.67 -7.18
C LEU A 229 -8.23 16.88 -5.87
N PHE A 230 -7.04 16.29 -5.73
CA PHE A 230 -6.22 16.57 -4.57
C PHE A 230 -5.85 18.05 -4.49
N ILE A 231 -5.45 18.63 -5.62
CA ILE A 231 -5.08 20.04 -5.65
C ILE A 231 -6.29 20.92 -5.35
N LEU A 232 -7.44 20.62 -5.96
CA LEU A 232 -8.63 21.44 -5.79
C LEU A 232 -9.35 21.16 -4.47
N GLY A 233 -9.13 19.99 -3.86
CA GLY A 233 -9.83 19.65 -2.65
C GLY A 233 -9.25 20.32 -1.44
N PRO A 234 -9.88 20.06 -0.28
CA PRO A 234 -9.37 20.64 0.98
C PRO A 234 -7.96 20.20 1.31
N GLU A 235 -7.52 19.03 0.84
CA GLU A 235 -6.16 18.57 1.07
C GLU A 235 -5.12 19.44 0.36
N GLY A 236 -5.52 20.20 -0.66
CA GLY A 236 -4.64 21.13 -1.31
C GLY A 236 -5.10 22.56 -1.14
N PHE A 237 -5.48 23.21 -2.23
CA PHE A 237 -6.11 24.53 -2.17
C PHE A 237 -7.59 24.34 -1.89
N GLY A 238 -8.09 25.01 -0.86
CA GLY A 238 -9.45 24.79 -0.41
C GLY A 238 -10.50 25.38 -1.33
N VAL A 239 -10.61 24.82 -2.54
CA VAL A 239 -11.58 25.30 -3.51
C VAL A 239 -12.81 24.41 -3.61
N LEU A 240 -12.66 23.09 -3.43
CA LEU A 240 -13.75 22.16 -3.70
C LEU A 240 -14.61 21.86 -2.47
N SER A 241 -14.09 22.10 -1.26
CA SER A 241 -14.77 21.76 -0.02
C SER A 241 -14.90 20.24 0.13
N VAL A 242 -15.26 19.78 1.33
CA VAL A 242 -15.30 18.34 1.58
C VAL A 242 -16.36 17.68 0.72
N TYR A 243 -17.54 18.28 0.62
CA TYR A 243 -18.63 17.64 -0.10
C TYR A 243 -18.41 17.67 -1.61
N GLY A 244 -17.90 18.80 -2.14
CA GLY A 244 -17.59 18.84 -3.56
C GLY A 244 -16.46 17.89 -3.94
N SER A 245 -15.44 17.80 -3.08
CA SER A 245 -14.37 16.84 -3.31
C SER A 245 -14.91 15.42 -3.26
N THR A 246 -15.84 15.14 -2.34
CA THR A 246 -16.47 13.83 -2.27
C THR A 246 -17.25 13.53 -3.54
N VAL A 247 -17.96 14.54 -4.07
CA VAL A 247 -18.72 14.37 -5.31
C VAL A 247 -17.79 14.00 -6.46
N GLY A 248 -16.73 14.78 -6.63
CA GLY A 248 -15.80 14.52 -7.72
C GLY A 248 -15.11 13.18 -7.57
N HIS A 249 -14.69 12.84 -6.35
CA HIS A 249 -14.04 11.57 -6.11
C HIS A 249 -14.98 10.40 -6.31
N THR A 250 -16.26 10.56 -5.98
CA THR A 250 -17.24 9.51 -6.27
C THR A 250 -17.40 9.32 -7.78
N ILE A 251 -17.46 10.42 -8.54
CA ILE A 251 -17.62 10.30 -9.99
C ILE A 251 -16.42 9.58 -10.59
N ILE A 252 -15.21 10.03 -10.27
CA ILE A 252 -14.05 9.39 -10.87
C ILE A 252 -13.72 8.06 -10.20
N ASP A 253 -14.33 7.76 -9.06
CA ASP A 253 -14.25 6.43 -8.47
C ASP A 253 -15.13 5.44 -9.23
N LEU A 254 -16.32 5.89 -9.63
CA LEU A 254 -17.16 5.10 -10.51
C LEU A 254 -16.47 4.87 -11.84
N MET A 255 -15.80 5.90 -12.36
CA MET A 255 -15.09 5.75 -13.63
C MET A 255 -13.91 4.79 -13.49
N SER A 256 -13.06 5.00 -12.48
CA SER A 256 -11.77 4.31 -12.43
C SER A 256 -11.88 2.86 -11.94
N LYS A 257 -12.93 2.51 -11.22
CA LYS A 257 -13.04 1.20 -10.60
C LYS A 257 -14.23 0.40 -11.10
N ASN A 258 -15.43 0.97 -11.06
CA ASN A 258 -16.61 0.24 -11.50
C ASN A 258 -16.65 0.11 -13.02
N CYS A 259 -16.59 1.25 -13.73
CA CYS A 259 -16.63 1.21 -15.19
C CYS A 259 -15.38 0.56 -15.76
N TRP A 260 -14.21 0.90 -15.22
CA TRP A 260 -12.97 0.30 -15.71
C TRP A 260 -12.93 -1.20 -15.45
N GLY A 261 -13.38 -1.63 -14.27
CA GLY A 261 -13.45 -3.05 -13.99
C GLY A 261 -14.44 -3.78 -14.87
N LEU A 262 -15.59 -3.16 -15.15
CA LEU A 262 -16.55 -3.76 -16.05
C LEU A 262 -15.99 -3.89 -17.46
N LEU A 263 -15.27 -2.87 -17.93
CA LEU A 263 -14.64 -2.96 -19.25
C LEU A 263 -13.55 -4.02 -19.28
N GLY A 264 -12.79 -4.16 -18.19
CA GLY A 264 -11.81 -5.24 -18.13
C GLY A 264 -12.46 -6.61 -18.15
N HIS A 265 -13.59 -6.76 -17.45
CA HIS A 265 -14.34 -8.00 -17.50
C HIS A 265 -14.85 -8.28 -18.89
N TYR A 266 -15.34 -7.26 -19.59
CA TYR A 266 -15.80 -7.43 -20.96
C TYR A 266 -14.65 -7.83 -21.88
N LEU A 267 -13.49 -7.23 -21.68
CA LEU A 267 -12.31 -7.61 -22.46
C LEU A 267 -11.94 -9.07 -22.23
N ARG A 268 -11.99 -9.50 -20.96
CA ARG A 268 -11.69 -10.90 -20.66
C ARG A 268 -12.73 -11.83 -21.28
N VAL A 269 -13.99 -11.42 -21.28
CA VAL A 269 -15.05 -12.23 -21.90
C VAL A 269 -14.82 -12.35 -23.40
N LEU A 270 -14.48 -11.24 -24.05
CA LEU A 270 -14.18 -11.27 -25.48
C LEU A 270 -12.99 -12.16 -25.79
N ILE A 271 -11.94 -12.08 -24.95
CA ILE A 271 -10.77 -12.91 -25.16
C ILE A 271 -11.11 -14.39 -24.96
N HIS A 272 -11.93 -14.70 -23.97
CA HIS A 272 -12.36 -16.08 -23.77
C HIS A 272 -13.15 -16.59 -24.97
N GLU A 273 -14.03 -15.75 -25.51
CA GLU A 273 -14.78 -16.14 -26.71
C GLU A 273 -13.84 -16.37 -27.89
N HIS A 274 -12.83 -15.50 -28.06
CA HIS A 274 -11.88 -15.65 -29.14
C HIS A 274 -11.09 -16.95 -29.00
N ILE A 275 -10.69 -17.28 -27.77
CA ILE A 275 -9.97 -18.52 -27.52
C ILE A 275 -10.86 -19.72 -27.82
N LEU A 276 -12.14 -19.63 -27.43
CA LEU A 276 -13.07 -20.72 -27.68
C LEU A 276 -13.26 -20.95 -29.18
N ILE A 277 -13.37 -19.86 -29.95
CA ILE A 277 -13.66 -19.98 -31.38
C ILE A 277 -12.38 -20.26 -32.16
N HIS A 278 -11.40 -19.36 -32.07
CA HIS A 278 -10.19 -19.49 -32.88
C HIS A 278 -9.10 -20.23 -32.13
N GLY A 279 -8.73 -19.75 -30.95
CA GLY A 279 -7.64 -20.35 -30.18
C GLY A 279 -7.92 -21.77 -29.74
N CYS B 34 -6.37 24.12 19.20
CA CYS B 34 -6.40 22.67 19.39
C CYS B 34 -5.64 22.26 20.64
N TYR B 35 -6.37 21.96 21.72
CA TYR B 35 -5.72 21.62 22.98
C TYR B 35 -5.64 20.11 23.09
N CYS B 36 -6.76 19.39 23.19
CA CYS B 36 -6.80 17.93 23.20
C CYS B 36 -5.76 17.30 24.12
N ALA B 37 -5.95 17.42 25.44
CA ALA B 37 -4.94 17.05 26.43
C ALA B 37 -4.34 15.66 26.22
N GLY B 38 -4.95 14.81 25.41
CA GLY B 38 -4.35 13.54 25.10
C GLY B 38 -3.16 13.59 24.17
N TRP B 39 -2.81 14.79 23.67
CA TRP B 39 -1.69 14.93 22.76
C TRP B 39 -0.37 15.10 23.50
N ILE B 40 -0.38 15.81 24.63
CA ILE B 40 0.84 16.10 25.36
C ILE B 40 1.33 14.84 26.07
N GLU B 41 0.51 14.30 26.99
CA GLU B 41 0.78 13.05 27.70
C GLU B 41 2.26 12.88 28.08
N SER B 42 2.82 11.72 27.74
CA SER B 42 4.23 11.46 27.96
C SER B 42 4.66 10.38 26.97
N ARG B 43 5.81 10.59 26.32
CA ARG B 43 6.26 9.64 25.33
C ARG B 43 7.14 8.55 25.93
N GLY B 44 7.75 8.80 27.07
CA GLY B 44 8.65 7.83 27.65
C GLY B 44 9.10 8.23 29.03
N THR B 45 10.24 7.65 29.45
CA THR B 45 10.76 7.83 30.80
C THR B 45 12.18 8.36 30.79
N ASN B 46 12.60 8.95 29.68
CA ASN B 46 13.92 9.56 29.50
C ASN B 46 15.02 8.50 29.44
N GLY B 47 14.67 7.25 29.71
CA GLY B 47 15.60 6.16 29.45
C GLY B 47 15.19 5.38 28.22
N ALA B 48 13.89 5.17 28.03
CA ALA B 48 13.40 4.66 26.76
C ALA B 48 13.69 5.63 25.63
N GLN B 49 13.65 6.94 25.91
CA GLN B 49 14.03 7.93 24.91
C GLN B 49 15.50 7.78 24.52
N THR B 50 16.38 7.60 25.52
CA THR B 50 17.79 7.42 25.22
C THR B 50 18.04 6.14 24.44
N ALA B 51 17.37 5.05 24.82
CA ALA B 51 17.51 3.80 24.07
C ALA B 51 17.00 3.96 22.65
N SER B 52 15.90 4.69 22.48
CA SER B 52 15.35 4.93 21.14
C SER B 52 16.32 5.73 20.28
N ASN B 53 16.93 6.77 20.86
CA ASN B 53 17.88 7.57 20.10
C ASN B 53 19.12 6.74 19.73
N VAL B 54 19.61 5.93 20.67
CA VAL B 54 20.79 5.11 20.39
C VAL B 54 20.48 4.10 19.31
N LEU B 55 19.31 3.45 19.38
CA LEU B 55 18.93 2.48 18.37
C LEU B 55 18.67 3.14 17.03
N GLN B 56 18.14 4.37 17.02
CA GLN B 56 17.99 5.10 15.77
C GLN B 56 19.34 5.41 15.14
N TRP B 57 20.32 5.83 15.95
CA TRP B 57 21.66 6.04 15.42
C TRP B 57 22.27 4.75 14.89
N LEU B 58 22.09 3.64 15.61
CA LEU B 58 22.61 2.36 15.14
C LEU B 58 21.94 1.94 13.84
N ALA B 59 20.62 2.12 13.74
CA ALA B 59 19.91 1.77 12.52
C ALA B 59 20.34 2.66 11.36
N ALA B 60 20.54 3.95 11.61
CA ALA B 60 21.02 4.86 10.57
C ALA B 60 22.41 4.45 10.09
N GLY B 61 23.30 4.13 11.01
CA GLY B 61 24.64 3.70 10.63
C GLY B 61 24.62 2.40 9.85
N PHE B 62 23.81 1.44 10.30
CA PHE B 62 23.71 0.16 9.60
C PHE B 62 23.12 0.34 8.21
N SER B 63 22.08 1.17 8.09
CA SER B 63 21.48 1.42 6.79
C SER B 63 22.45 2.13 5.85
N ILE B 64 23.22 3.09 6.37
CA ILE B 64 24.17 3.81 5.54
C ILE B 64 25.28 2.87 5.08
N LEU B 65 25.81 2.05 6.00
CA LEU B 65 26.86 1.10 5.62
C LEU B 65 26.34 0.08 4.63
N LEU B 66 25.11 -0.40 4.82
CA LEU B 66 24.53 -1.35 3.87
C LEU B 66 24.28 -0.69 2.53
N LEU B 67 23.97 0.60 2.51
CA LEU B 67 23.79 1.30 1.25
C LEU B 67 25.10 1.44 0.50
N MET B 68 26.19 1.77 1.20
CA MET B 68 27.50 1.77 0.53
C MET B 68 27.86 0.37 0.05
N PHE B 69 27.58 -0.66 0.85
CA PHE B 69 27.88 -2.02 0.44
C PHE B 69 27.08 -2.40 -0.80
N TYR B 70 25.80 -2.03 -0.86
CA TYR B 70 24.98 -2.35 -2.02
C TYR B 70 25.42 -1.56 -3.25
N ALA B 71 25.85 -0.31 -3.06
CA ALA B 71 26.40 0.46 -4.18
C ALA B 71 27.66 -0.21 -4.72
N TYR B 72 28.55 -0.65 -3.82
CA TYR B 72 29.74 -1.36 -4.25
C TYR B 72 29.38 -2.65 -4.98
N GLN B 73 28.42 -3.39 -4.46
CA GLN B 73 28.01 -4.64 -5.10
C GLN B 73 27.40 -4.39 -6.47
N THR B 74 26.54 -3.38 -6.61
CA THR B 74 26.00 -3.04 -7.93
C THR B 74 27.11 -2.64 -8.87
N TRP B 75 28.16 -2.01 -8.35
CA TRP B 75 29.31 -1.65 -9.19
C TRP B 75 30.07 -2.90 -9.64
N LYS B 76 30.37 -3.80 -8.71
CA LYS B 76 31.22 -4.95 -9.01
C LYS B 76 30.42 -6.23 -9.22
N SER B 77 29.66 -6.64 -8.20
CA SER B 77 28.94 -7.92 -8.22
C SER B 77 27.53 -7.75 -8.74
N THR B 78 26.68 -8.76 -8.51
CA THR B 78 25.25 -8.64 -8.77
C THR B 78 24.58 -8.13 -7.50
N CYS B 79 23.56 -7.28 -7.67
CA CYS B 79 22.77 -6.77 -6.56
C CYS B 79 21.35 -6.53 -7.03
N GLY B 80 20.40 -6.86 -6.16
CA GLY B 80 19.00 -6.69 -6.45
C GLY B 80 18.49 -5.33 -6.05
N TRP B 81 17.43 -4.88 -6.73
CA TRP B 81 16.85 -3.58 -6.43
C TRP B 81 16.06 -3.60 -5.13
N GLU B 82 15.60 -4.79 -4.69
CA GLU B 82 14.74 -4.87 -3.53
C GLU B 82 15.48 -4.47 -2.27
N GLU B 83 16.67 -5.04 -2.05
CA GLU B 83 17.44 -4.72 -0.86
C GLU B 83 17.87 -3.26 -0.85
N ILE B 84 18.26 -2.73 -2.02
CA ILE B 84 18.67 -1.33 -2.10
C ILE B 84 17.50 -0.41 -1.78
N TYR B 85 16.34 -0.69 -2.36
CA TYR B 85 15.16 0.13 -2.11
C TYR B 85 14.76 0.08 -0.64
N VAL B 86 14.75 -1.12 -0.06
CA VAL B 86 14.35 -1.25 1.34
C VAL B 86 15.33 -0.53 2.24
N CYS B 87 16.64 -0.63 1.95
CA CYS B 87 17.64 0.05 2.75
C CYS B 87 17.51 1.56 2.63
N ALA B 88 17.27 2.07 1.42
CA ALA B 88 17.11 3.51 1.24
C ALA B 88 15.89 4.02 2.00
N ILE B 89 14.77 3.31 1.89
CA ILE B 89 13.56 3.73 2.60
C ILE B 89 13.79 3.66 4.11
N GLU B 90 14.50 2.64 4.57
CA GLU B 90 14.78 2.52 6.00
C GLU B 90 15.68 3.65 6.49
N MET B 91 16.68 4.02 5.69
CA MET B 91 17.55 5.13 6.06
C MET B 91 16.78 6.43 6.15
N VAL B 92 15.93 6.70 5.16
CA VAL B 92 15.13 7.92 5.18
C VAL B 92 14.18 7.91 6.37
N LYS B 93 13.55 6.76 6.64
CA LYS B 93 12.64 6.64 7.76
C LYS B 93 13.35 6.86 9.08
N VAL B 94 14.56 6.32 9.22
CA VAL B 94 15.30 6.46 10.46
C VAL B 94 15.73 7.91 10.67
N ILE B 95 16.13 8.59 9.60
CA ILE B 95 16.48 10.00 9.70
C ILE B 95 15.26 10.82 10.15
N LEU B 96 14.12 10.58 9.50
CA LEU B 96 12.91 11.31 9.88
C LEU B 96 12.43 10.93 11.28
N GLU B 97 12.74 9.71 11.73
CA GLU B 97 12.34 9.29 13.06
C GLU B 97 13.21 9.94 14.13
N PHE B 98 14.50 10.10 13.84
CA PHE B 98 15.36 10.81 14.78
C PHE B 98 15.03 12.29 14.82
N PHE B 99 14.63 12.87 13.69
CA PHE B 99 14.47 14.32 13.65
C PHE B 99 13.03 14.77 13.98
N PHE B 100 12.03 14.25 13.26
CA PHE B 100 10.67 14.72 13.36
C PHE B 100 9.69 13.57 13.57
N GLU B 101 9.99 12.68 14.53
CA GLU B 101 9.10 11.56 14.78
C GLU B 101 7.79 11.98 15.44
N PHE B 102 7.80 13.04 16.23
CA PHE B 102 6.62 13.52 16.93
C PHE B 102 6.02 14.75 16.28
N LYS B 103 6.42 15.04 15.05
CA LYS B 103 5.87 16.13 14.26
C LYS B 103 4.76 15.60 13.37
N ASN B 104 3.94 16.52 12.86
CA ASN B 104 2.66 16.18 12.24
C ASN B 104 2.74 15.12 11.14
N PRO B 105 3.61 15.27 10.13
CA PRO B 105 3.63 14.25 9.08
C PRO B 105 3.95 12.85 9.58
N SER B 106 4.84 12.74 10.56
CA SER B 106 5.21 11.43 11.09
C SER B 106 4.30 10.99 12.23
N MET B 107 3.78 11.94 13.00
CA MET B 107 2.88 11.65 14.10
C MET B 107 1.59 12.44 13.90
N LEU B 108 0.51 11.74 13.57
CA LEU B 108 -0.81 12.34 13.51
C LEU B 108 -1.40 12.33 14.91
N TYR B 109 -1.94 13.46 15.34
CA TYR B 109 -2.33 13.59 16.74
C TYR B 109 -3.81 13.30 16.96
N LEU B 110 -4.65 13.55 15.95
CA LEU B 110 -6.04 13.08 15.91
C LEU B 110 -6.94 13.77 16.93
N ALA B 111 -8.21 13.97 16.56
CA ALA B 111 -9.17 14.54 17.48
C ALA B 111 -9.50 13.61 18.63
N THR B 112 -9.17 12.32 18.49
CA THR B 112 -9.51 11.35 19.53
C THR B 112 -8.50 11.34 20.66
N GLY B 113 -7.43 12.11 20.55
CA GLY B 113 -6.36 12.10 21.53
C GLY B 113 -5.30 11.04 21.32
N HIS B 114 -5.34 10.32 20.21
CA HIS B 114 -4.41 9.23 19.93
C HIS B 114 -3.34 9.72 18.97
N ARG B 115 -2.08 9.62 19.37
CA ARG B 115 -0.97 10.00 18.50
C ARG B 115 -0.62 8.80 17.62
N VAL B 116 -0.94 8.91 16.34
CA VAL B 116 -0.74 7.81 15.40
C VAL B 116 0.61 8.00 14.71
N GLN B 117 1.43 6.95 14.74
CA GLN B 117 2.74 6.97 14.10
C GLN B 117 2.56 6.68 12.61
N TRP B 118 2.19 7.73 11.86
CA TRP B 118 1.97 7.56 10.43
C TRP B 118 3.25 7.17 9.72
N LEU B 119 4.39 7.64 10.20
CA LEU B 119 5.67 7.29 9.56
C LEU B 119 5.88 5.78 9.57
N ARG B 120 5.53 5.12 10.66
CA ARG B 120 5.67 3.67 10.76
C ARG B 120 4.88 2.96 9.68
N TYR B 121 3.60 3.31 9.54
CA TYR B 121 2.75 2.60 8.59
C TYR B 121 3.04 2.98 7.14
N ALA B 122 3.44 4.23 6.90
CA ALA B 122 3.88 4.62 5.57
C ALA B 122 5.13 3.85 5.15
N GLU B 123 6.09 3.74 6.08
CA GLU B 123 7.30 2.97 5.79
C GLU B 123 6.96 1.49 5.61
N TRP B 124 5.99 0.98 6.37
CA TRP B 124 5.55 -0.40 6.16
C TRP B 124 5.00 -0.58 4.75
N LEU B 125 4.10 0.32 4.33
CA LEU B 125 3.55 0.26 2.98
C LEU B 125 4.62 0.37 1.92
N LEU B 126 5.68 1.13 2.17
CA LEU B 126 6.78 1.28 1.23
C LEU B 126 7.70 0.08 1.17
N THR B 127 7.95 -0.59 2.31
CA THR B 127 8.98 -1.62 2.37
C THR B 127 8.41 -3.03 2.32
N CYS B 128 7.42 -3.34 3.16
CA CYS B 128 6.91 -4.71 3.26
C CYS B 128 6.46 -5.29 1.92
N PRO B 129 5.73 -4.56 1.06
CA PRO B 129 5.49 -5.10 -0.29
C PRO B 129 6.77 -5.41 -1.04
N VAL B 130 7.79 -4.55 -0.92
CA VAL B 130 9.06 -4.83 -1.58
C VAL B 130 9.75 -6.02 -0.94
N ILE B 131 9.63 -6.18 0.38
CA ILE B 131 10.18 -7.35 1.05
C ILE B 131 9.53 -8.62 0.53
N LEU B 132 8.22 -8.59 0.29
CA LEU B 132 7.54 -9.77 -0.26
C LEU B 132 7.80 -9.98 -1.74
N ILE B 133 8.05 -8.92 -2.50
CA ILE B 133 8.55 -9.06 -3.86
C ILE B 133 9.93 -9.69 -3.89
N HIS B 134 10.76 -9.39 -2.90
CA HIS B 134 12.02 -10.11 -2.68
C HIS B 134 11.80 -11.55 -2.23
N LEU B 135 10.77 -11.79 -1.41
CA LEU B 135 10.46 -13.15 -0.95
C LEU B 135 10.10 -14.04 -2.13
N SER B 136 9.20 -13.57 -2.99
CA SER B 136 9.08 -14.17 -4.31
C SER B 136 10.37 -13.94 -5.07
N ASN B 137 10.76 -14.92 -5.89
CA ASN B 137 12.03 -14.86 -6.60
C ASN B 137 13.19 -14.65 -5.63
N LEU B 138 13.29 -15.58 -4.66
CA LEU B 138 14.40 -15.55 -3.71
C LEU B 138 15.73 -15.65 -4.44
N THR B 139 15.85 -16.60 -5.35
CA THR B 139 16.97 -16.67 -6.28
C THR B 139 16.73 -15.62 -7.35
N GLY B 140 17.57 -14.58 -7.38
CA GLY B 140 17.33 -13.47 -8.28
C GLY B 140 17.57 -13.84 -9.73
N LEU B 141 16.84 -14.84 -10.21
CA LEU B 141 17.00 -15.37 -11.56
C LEU B 141 15.71 -15.38 -12.36
N SER B 142 14.59 -15.68 -11.73
CA SER B 142 13.32 -15.71 -12.44
C SER B 142 12.84 -14.29 -12.71
N ASN B 143 12.52 -14.02 -13.97
CA ASN B 143 12.03 -12.71 -14.36
C ASN B 143 10.54 -12.53 -14.12
N ASP B 144 9.78 -13.63 -14.05
CA ASP B 144 8.34 -13.56 -13.90
C ASP B 144 7.93 -13.82 -12.46
N TYR B 145 6.69 -13.44 -12.15
CA TYR B 145 6.11 -13.60 -10.82
C TYR B 145 4.73 -14.23 -10.95
N SER B 146 4.46 -15.21 -10.09
CA SER B 146 3.22 -15.97 -10.17
C SER B 146 2.07 -15.17 -9.53
N ARG B 147 0.86 -15.72 -9.61
CA ARG B 147 -0.29 -15.10 -8.95
C ARG B 147 -0.23 -15.22 -7.44
N ARG B 148 0.54 -16.17 -6.91
CA ARG B 148 0.75 -16.24 -5.48
C ARG B 148 1.45 -14.98 -4.96
N THR B 149 2.39 -14.44 -5.73
CA THR B 149 3.00 -13.16 -5.38
C THR B 149 1.97 -12.05 -5.36
N MET B 150 1.04 -12.07 -6.32
CA MET B 150 0.00 -11.05 -6.38
C MET B 150 -0.88 -11.12 -5.14
N GLY B 151 -1.28 -12.33 -4.75
CA GLY B 151 -2.06 -12.48 -3.52
C GLY B 151 -1.28 -12.07 -2.29
N LEU B 152 0.01 -12.41 -2.25
CA LEU B 152 0.87 -11.97 -1.16
C LEU B 152 0.84 -10.46 -1.02
N LEU B 153 1.06 -9.75 -2.12
CA LEU B 153 1.12 -8.28 -2.07
C LEU B 153 -0.23 -7.70 -1.70
N VAL B 154 -1.31 -8.23 -2.27
CA VAL B 154 -2.64 -7.70 -1.95
C VAL B 154 -2.95 -7.89 -0.47
N SER B 155 -2.65 -9.09 0.06
CA SER B 155 -2.90 -9.35 1.47
C SER B 155 -2.02 -8.48 2.37
N ASP B 156 -0.77 -8.24 1.99
CA ASP B 156 0.10 -7.43 2.82
C ASP B 156 -0.32 -5.97 2.81
N ILE B 157 -0.68 -5.44 1.64
CA ILE B 157 -1.18 -4.06 1.58
C ILE B 157 -2.45 -3.95 2.41
N GLY B 158 -3.33 -4.94 2.31
CA GLY B 158 -4.54 -4.92 3.12
C GLY B 158 -4.25 -4.95 4.60
N THR B 159 -3.30 -5.78 5.02
CA THR B 159 -3.02 -5.91 6.45
C THR B 159 -2.37 -4.64 6.99
N ILE B 160 -1.53 -3.98 6.19
CA ILE B 160 -0.96 -2.71 6.65
C ILE B 160 -2.05 -1.63 6.69
N VAL B 161 -2.96 -1.64 5.72
CA VAL B 161 -4.05 -0.67 5.71
C VAL B 161 -4.94 -0.85 6.95
N TRP B 162 -5.27 -2.10 7.27
CA TRP B 162 -6.10 -2.36 8.44
C TRP B 162 -5.36 -2.07 9.73
N GLY B 163 -4.05 -2.30 9.77
CA GLY B 163 -3.27 -1.92 10.95
C GLY B 163 -3.26 -0.42 11.17
N ALA B 164 -3.08 0.35 10.08
CA ALA B 164 -3.13 1.81 10.20
C ALA B 164 -4.52 2.27 10.64
N THR B 165 -5.56 1.68 10.05
CA THR B 165 -6.93 2.06 10.42
C THR B 165 -7.21 1.73 11.88
N SER B 166 -6.70 0.58 12.35
CA SER B 166 -6.85 0.22 13.76
C SER B 166 -6.09 1.19 14.65
N ALA B 167 -4.91 1.64 14.21
CA ALA B 167 -4.17 2.62 14.97
C ALA B 167 -4.94 3.94 15.08
N MET B 168 -5.68 4.31 14.05
CA MET B 168 -6.47 5.54 14.07
C MET B 168 -7.92 5.34 14.48
N ALA B 169 -8.32 4.13 14.88
CA ALA B 169 -9.75 3.83 14.96
C ALA B 169 -10.32 3.98 16.37
N THR B 170 -9.47 3.96 17.39
CA THR B 170 -9.82 4.29 18.79
C THR B 170 -11.10 3.65 19.33
N GLY B 171 -11.09 2.33 19.51
CA GLY B 171 -12.18 1.70 20.26
C GLY B 171 -12.54 0.30 19.80
N TYR B 172 -13.83 -0.01 19.77
CA TYR B 172 -14.28 -1.26 19.18
C TYR B 172 -14.03 -1.31 17.69
N VAL B 173 -14.04 -0.15 17.03
CA VAL B 173 -13.62 -0.09 15.64
C VAL B 173 -12.15 -0.44 15.51
N LYS B 174 -11.34 -0.04 16.50
CA LYS B 174 -9.93 -0.44 16.52
C LYS B 174 -9.80 -1.95 16.60
N VAL B 175 -10.61 -2.59 17.45
CA VAL B 175 -10.57 -4.04 17.57
C VAL B 175 -11.01 -4.70 16.28
N ILE B 176 -12.07 -4.16 15.65
CA ILE B 176 -12.58 -4.74 14.41
C ILE B 176 -11.52 -4.67 13.31
N PHE B 177 -10.89 -3.50 13.18
CA PHE B 177 -9.88 -3.35 12.14
C PHE B 177 -8.61 -4.13 12.46
N PHE B 178 -8.28 -4.30 13.75
CA PHE B 178 -7.17 -5.16 14.12
C PHE B 178 -7.46 -6.61 13.75
N CYS B 179 -8.69 -7.07 13.95
CA CYS B 179 -9.05 -8.42 13.55
C CYS B 179 -9.05 -8.59 12.04
N LEU B 180 -9.49 -7.56 11.30
CA LEU B 180 -9.39 -7.58 9.85
C LEU B 180 -7.93 -7.68 9.41
N GLY B 181 -7.06 -6.89 10.03
CA GLY B 181 -5.63 -6.99 9.76
C GLY B 181 -5.06 -8.33 10.16
N LEU B 182 -5.58 -8.94 11.22
CA LEU B 182 -5.13 -10.28 11.60
C LEU B 182 -5.51 -11.31 10.55
N CYS B 183 -6.71 -11.22 9.99
CA CYS B 183 -7.09 -12.14 8.92
C CYS B 183 -6.23 -11.92 7.68
N TYR B 184 -6.04 -10.67 7.28
CA TYR B 184 -5.20 -10.39 6.12
C TYR B 184 -3.76 -10.82 6.35
N GLY B 185 -3.25 -10.62 7.56
CA GLY B 185 -1.90 -11.03 7.86
C GLY B 185 -1.74 -12.53 8.01
N ALA B 186 -2.81 -13.22 8.40
CA ALA B 186 -2.79 -14.67 8.38
C ALA B 186 -2.70 -15.19 6.95
N ASN B 187 -3.45 -14.59 6.04
CA ASN B 187 -3.30 -14.94 4.63
C ASN B 187 -1.90 -14.62 4.13
N THR B 188 -1.36 -13.46 4.52
CA THR B 188 -0.01 -13.07 4.13
C THR B 188 1.02 -14.05 4.66
N PHE B 189 0.87 -14.47 5.91
CA PHE B 189 1.80 -15.42 6.52
C PHE B 189 1.71 -16.78 5.86
N PHE B 190 0.50 -17.23 5.51
CA PHE B 190 0.37 -18.50 4.81
C PHE B 190 1.05 -18.46 3.45
N HIS B 191 0.83 -17.39 2.69
CA HIS B 191 1.48 -17.27 1.38
C HIS B 191 2.99 -17.10 1.52
N ALA B 192 3.44 -16.37 2.53
CA ALA B 192 4.87 -16.21 2.76
C ALA B 192 5.52 -17.52 3.16
N ALA B 193 4.82 -18.34 3.95
CA ALA B 193 5.34 -19.65 4.30
C ALA B 193 5.44 -20.55 3.08
N LYS B 194 4.43 -20.49 2.21
CA LYS B 194 4.51 -21.26 0.96
C LYS B 194 5.69 -20.78 0.11
N ALA B 195 5.88 -19.47 0.02
CA ALA B 195 7.01 -18.94 -0.74
C ALA B 195 8.34 -19.34 -0.13
N TYR B 196 8.42 -19.38 1.21
CA TYR B 196 9.66 -19.78 1.87
C TYR B 196 9.96 -21.25 1.64
N ILE B 197 8.94 -22.10 1.67
CA ILE B 197 9.15 -23.52 1.38
C ILE B 197 9.59 -23.70 -0.07
N GLU B 198 8.94 -22.99 -0.99
CA GLU B 198 9.33 -23.07 -2.40
C GLU B 198 10.76 -22.60 -2.60
N GLY B 199 11.15 -21.51 -1.94
CA GLY B 199 12.52 -21.03 -2.05
C GLY B 199 13.52 -22.00 -1.45
N TYR B 200 13.17 -22.57 -0.29
CA TYR B 200 14.03 -23.56 0.35
C TYR B 200 14.27 -24.75 -0.56
N HIS B 201 13.27 -25.12 -1.35
CA HIS B 201 13.43 -26.31 -2.19
C HIS B 201 14.08 -25.98 -3.54
N THR B 202 13.85 -24.79 -4.09
CA THR B 202 14.47 -24.47 -5.37
C THR B 202 15.94 -24.12 -5.20
N VAL B 203 16.31 -23.61 -4.03
CA VAL B 203 17.67 -23.12 -3.77
C VAL B 203 18.61 -24.31 -3.69
N PRO B 204 19.89 -24.15 -4.04
CA PRO B 204 20.82 -25.28 -3.96
C PRO B 204 21.02 -25.75 -2.52
N LYS B 205 21.30 -27.04 -2.39
CA LYS B 205 21.57 -27.62 -1.09
C LYS B 205 22.91 -27.12 -0.55
N GLY B 206 22.95 -26.85 0.75
CA GLY B 206 24.16 -26.34 1.38
C GLY B 206 23.94 -25.05 2.13
N ARG B 207 24.86 -24.09 1.95
CA ARG B 207 24.74 -22.81 2.63
C ARG B 207 23.48 -22.07 2.23
N CYS B 208 23.02 -22.29 0.99
CA CYS B 208 21.86 -21.54 0.49
C CYS B 208 20.60 -21.85 1.30
N ARG B 209 20.38 -23.13 1.63
CA ARG B 209 19.19 -23.47 2.41
C ARG B 209 19.30 -23.03 3.86
N GLN B 210 20.50 -23.00 4.44
CA GLN B 210 20.66 -22.41 5.76
C GLN B 210 20.35 -20.93 5.74
N VAL B 211 20.78 -20.22 4.68
CA VAL B 211 20.45 -18.81 4.56
C VAL B 211 18.95 -18.62 4.40
N VAL B 212 18.31 -19.49 3.63
CA VAL B 212 16.85 -19.42 3.46
C VAL B 212 16.14 -19.64 4.79
N THR B 213 16.61 -20.62 5.56
CA THR B 213 16.02 -20.89 6.87
C THR B 213 16.19 -19.71 7.82
N GLY B 214 17.38 -19.10 7.81
CA GLY B 214 17.59 -17.91 8.63
C GLY B 214 16.71 -16.75 8.20
N MET B 215 16.54 -16.56 6.89
CA MET B 215 15.64 -15.55 6.37
C MET B 215 14.21 -15.81 6.84
N ALA B 216 13.77 -17.07 6.77
CA ALA B 216 12.43 -17.41 7.23
C ALA B 216 12.26 -17.13 8.71
N TRP B 217 13.25 -17.50 9.51
CA TRP B 217 13.16 -17.24 10.95
C TRP B 217 13.07 -15.75 11.24
N LEU B 218 13.95 -14.95 10.64
CA LEU B 218 13.93 -13.51 10.85
C LEU B 218 12.59 -12.92 10.40
N PHE B 219 12.15 -13.30 9.20
CA PHE B 219 10.91 -12.79 8.65
C PHE B 219 9.74 -13.07 9.58
N PHE B 220 9.58 -14.34 9.97
CA PHE B 220 8.40 -14.71 10.74
C PHE B 220 8.45 -14.12 12.15
N VAL B 221 9.62 -14.12 12.79
CA VAL B 221 9.71 -13.56 14.13
C VAL B 221 9.41 -12.07 14.12
N SER B 222 10.04 -11.31 13.22
CA SER B 222 9.83 -9.87 13.21
C SER B 222 8.42 -9.50 12.75
N TRP B 223 7.91 -10.19 11.74
CA TRP B 223 6.57 -9.89 11.25
C TRP B 223 5.47 -10.37 12.19
N GLY B 224 5.78 -11.31 13.08
CA GLY B 224 4.86 -11.63 14.15
C GLY B 224 4.98 -10.74 15.36
N MET B 225 6.14 -10.12 15.56
CA MET B 225 6.28 -9.10 16.58
C MET B 225 5.67 -7.76 16.17
N PHE B 226 5.47 -7.54 14.87
CA PHE B 226 4.75 -6.34 14.45
C PHE B 226 3.36 -6.24 15.09
N PRO B 227 2.49 -7.26 15.01
CA PRO B 227 1.20 -7.15 15.73
C PRO B 227 1.34 -7.25 17.23
N ILE B 228 2.34 -7.95 17.74
CA ILE B 228 2.59 -7.96 19.17
C ILE B 228 2.95 -6.57 19.67
N LEU B 229 3.81 -5.87 18.94
CA LEU B 229 4.14 -4.49 19.31
C LEU B 229 2.95 -3.57 19.13
N PHE B 230 2.10 -3.84 18.13
CA PHE B 230 0.86 -3.08 18.00
C PHE B 230 -0.03 -3.25 19.23
N ILE B 231 -0.16 -4.48 19.70
CA ILE B 231 -0.99 -4.75 20.88
C ILE B 231 -0.40 -4.09 22.12
N LEU B 232 0.92 -4.21 22.30
CA LEU B 232 1.57 -3.66 23.48
C LEU B 232 1.80 -2.16 23.39
N GLY B 233 1.82 -1.59 22.18
CA GLY B 233 2.10 -0.19 22.02
C GLY B 233 0.91 0.68 22.34
N PRO B 234 1.12 2.00 22.25
CA PRO B 234 0.01 2.93 22.50
C PRO B 234 -1.16 2.76 21.55
N GLU B 235 -0.92 2.23 20.34
CA GLU B 235 -2.00 1.97 19.39
C GLU B 235 -2.94 0.88 19.87
N GLY B 236 -2.51 0.03 20.80
CA GLY B 236 -3.37 -0.97 21.39
C GLY B 236 -3.56 -0.73 22.87
N PHE B 237 -3.08 -1.65 23.69
CA PHE B 237 -3.05 -1.46 25.14
C PHE B 237 -1.83 -0.64 25.50
N GLY B 238 -2.03 0.46 26.22
CA GLY B 238 -0.94 1.39 26.48
C GLY B 238 0.07 0.88 27.48
N VAL B 239 0.82 -0.16 27.10
CA VAL B 239 1.82 -0.73 27.98
C VAL B 239 3.24 -0.30 27.61
N LEU B 240 3.54 -0.11 26.32
CA LEU B 240 4.90 0.12 25.88
C LEU B 240 5.30 1.59 25.82
N SER B 241 4.32 2.51 25.77
CA SER B 241 4.57 3.93 25.60
C SER B 241 5.19 4.22 24.23
N VAL B 242 5.22 5.50 23.84
CA VAL B 242 5.70 5.85 22.50
C VAL B 242 7.16 5.49 22.34
N TYR B 243 7.98 5.79 23.34
CA TYR B 243 9.42 5.57 23.21
C TYR B 243 9.77 4.09 23.27
N GLY B 244 9.12 3.33 24.17
CA GLY B 244 9.35 1.89 24.21
C GLY B 244 8.88 1.19 22.94
N SER B 245 7.73 1.61 22.41
CA SER B 245 7.26 1.07 21.15
C SER B 245 8.22 1.42 20.02
N THR B 246 8.78 2.63 20.04
CA THR B 246 9.78 3.02 19.05
C THR B 246 11.02 2.15 19.16
N VAL B 247 11.45 1.86 20.40
CA VAL B 247 12.62 1.00 20.62
C VAL B 247 12.39 -0.38 20.02
N GLY B 248 11.25 -0.99 20.37
CA GLY B 248 10.96 -2.32 19.86
C GLY B 248 10.81 -2.35 18.36
N HIS B 249 10.13 -1.34 17.80
CA HIS B 249 9.95 -1.27 16.36
C HIS B 249 11.26 -1.03 15.64
N THR B 250 12.18 -0.27 16.24
CA THR B 250 13.50 -0.10 15.65
C THR B 250 14.27 -1.42 15.64
N ILE B 251 14.19 -2.18 16.74
CA ILE B 251 14.90 -3.45 16.80
C ILE B 251 14.37 -4.41 15.74
N ILE B 252 13.05 -4.59 15.69
CA ILE B 252 12.51 -5.53 14.71
C ILE B 252 12.48 -4.94 13.31
N ASP B 253 12.70 -3.64 13.16
CA ASP B 253 12.90 -3.03 11.86
C ASP B 253 14.30 -3.34 11.32
N LEU B 254 15.29 -3.30 12.21
CA LEU B 254 16.63 -3.75 11.85
C LEU B 254 16.62 -5.22 11.49
N MET B 255 15.86 -6.02 12.24
CA MET B 255 15.77 -7.45 11.94
C MET B 255 15.06 -7.70 10.60
N SER B 256 13.89 -7.08 10.40
CA SER B 256 13.03 -7.46 9.29
C SER B 256 13.47 -6.87 7.95
N LYS B 257 14.23 -5.79 7.95
CA LYS B 257 14.58 -5.09 6.73
C LYS B 257 16.08 -5.05 6.46
N ASN B 258 16.88 -4.62 7.44
CA ASN B 258 18.32 -4.53 7.22
C ASN B 258 18.95 -5.92 7.23
N CYS B 259 18.75 -6.68 8.32
CA CYS B 259 19.33 -8.01 8.41
C CYS B 259 18.72 -8.96 7.40
N TRP B 260 17.39 -8.92 7.24
CA TRP B 260 16.73 -9.78 6.27
C TRP B 260 17.16 -9.46 4.84
N GLY B 261 17.27 -8.17 4.52
CA GLY B 261 17.75 -7.78 3.20
C GLY B 261 19.19 -8.18 2.96
N LEU B 262 20.04 -8.06 3.98
CA LEU B 262 21.42 -8.49 3.85
C LEU B 262 21.51 -10.00 3.63
N LEU B 263 20.69 -10.77 4.35
CA LEU B 263 20.67 -12.22 4.13
C LEU B 263 20.14 -12.58 2.75
N GLY B 264 19.15 -11.84 2.26
CA GLY B 264 18.69 -12.07 0.89
C GLY B 264 19.76 -11.75 -0.13
N HIS B 265 20.52 -10.68 0.09
CA HIS B 265 21.63 -10.36 -0.79
C HIS B 265 22.68 -11.45 -0.75
N TYR B 266 22.98 -11.98 0.43
CA TYR B 266 23.94 -13.06 0.55
C TYR B 266 23.45 -14.32 -0.17
N LEU B 267 22.15 -14.60 -0.06
CA LEU B 267 21.58 -15.74 -0.78
C LEU B 267 21.72 -15.55 -2.29
N ARG B 268 21.45 -14.33 -2.77
CA ARG B 268 21.61 -14.07 -4.20
C ARG B 268 23.06 -14.19 -4.63
N VAL B 269 23.99 -13.75 -3.79
CA VAL B 269 25.42 -13.88 -4.10
C VAL B 269 25.82 -15.35 -4.18
N LEU B 270 25.36 -16.16 -3.23
CA LEU B 270 25.64 -17.58 -3.25
C LEU B 270 25.06 -18.25 -4.50
N ILE B 271 23.83 -17.87 -4.87
CA ILE B 271 23.22 -18.44 -6.06
C ILE B 271 23.98 -18.03 -7.31
N HIS B 272 24.44 -16.78 -7.38
CA HIS B 272 25.23 -16.34 -8.52
C HIS B 272 26.54 -17.12 -8.60
N GLU B 273 27.18 -17.36 -7.46
CA GLU B 273 28.40 -18.17 -7.45
C GLU B 273 28.12 -19.59 -7.92
N HIS B 274 27.01 -20.18 -7.46
CA HIS B 274 26.64 -21.53 -7.88
C HIS B 274 26.40 -21.59 -9.38
N ILE B 275 25.73 -20.58 -9.93
CA ILE B 275 25.47 -20.53 -11.36
C ILE B 275 26.79 -20.39 -12.12
N LEU B 276 27.70 -19.57 -11.60
CA LEU B 276 28.99 -19.39 -12.26
C LEU B 276 29.79 -20.69 -12.28
N ILE B 277 29.77 -21.43 -11.17
CA ILE B 277 30.58 -22.64 -11.06
C ILE B 277 29.89 -23.82 -11.73
N HIS B 278 28.68 -24.16 -11.27
CA HIS B 278 28.00 -25.34 -11.76
C HIS B 278 27.07 -25.00 -12.92
N GLY B 279 26.13 -24.08 -12.70
CA GLY B 279 25.15 -23.73 -13.71
C GLY B 279 25.75 -23.11 -14.96
N L9Q C . 5.56 6.40 -25.30
P L9Q C . 4.39 7.61 -21.97
C1 L9Q C . 4.16 9.15 -19.87
C2 L9Q C . 3.12 9.26 -18.76
O2 L9Q C . 2.80 10.63 -18.51
C3 L9Q C . 1.86 8.53 -19.21
O3 L9Q C . 1.18 9.30 -20.18
C4 L9Q C . 5.26 5.36 -23.11
C5 L9Q C . 4.63 5.62 -24.46
C11 L9Q C . -0.25 9.50 -20.07
O11 L9Q C . -0.71 9.93 -19.03
C12 L9Q C . -1.15 9.18 -21.24
C13 L9Q C . -0.54 8.04 -22.04
C14 L9Q C . -1.06 8.02 -23.47
C15 L9Q C . -1.70 6.68 -23.79
C16 L9Q C . -0.63 5.63 -24.06
C17 L9Q C . -1.09 4.27 -23.55
C18 L9Q C . -2.48 3.94 -24.07
C19 L9Q C . -2.37 2.84 -25.12
O1P L9Q C . 5.73 8.22 -22.31
C20 L9Q C . -3.70 2.19 -25.45
C21 L9Q C . -4.13 2.49 -26.88
C22 L9Q C . -3.04 3.21 -27.66
C23 L9Q C . -2.59 2.44 -28.89
C24 L9Q C . -1.24 1.78 -28.65
C25 L9Q C . -0.45 1.67 -29.95
C26 L9Q C . -1.31 2.11 -31.12
C27 L9Q C . -0.79 1.54 -32.43
C28 L9Q C . 0.69 1.83 -32.57
O2P L9Q C . 3.14 8.08 -22.69
C31 L9Q C . 3.22 11.03 -17.18
O31 L9Q C . 4.06 10.36 -16.61
C32 L9Q C . 2.64 12.25 -16.53
C33 L9Q C . 2.24 11.92 -15.09
C34 L9Q C . 2.29 13.13 -14.17
C35 L9Q C . 1.14 13.12 -13.18
C36 L9Q C . 0.89 11.73 -12.60
C37 L9Q C . 0.56 11.81 -11.12
C38 L9Q C . -0.50 10.80 -10.70
C39 L9Q C . -0.77 10.91 -9.20
O3P L9Q C . 4.14 7.84 -20.40
C40 L9Q C . 0.31 11.76 -8.53
C41 L9Q C . -0.18 12.63 -7.38
C42 L9Q C . -0.42 11.84 -6.11
C43 L9Q C . -1.65 12.36 -5.38
C44 L9Q C . -2.89 11.52 -5.68
C45 L9Q C . -2.54 10.03 -5.67
C46 L9Q C . -3.35 9.29 -6.72
C47 L9Q C . -3.39 7.79 -6.45
C48 L9Q C . -3.60 7.01 -7.73
O4P L9Q C . 4.51 6.01 -22.08
N L9Q D . 2.08 -25.92 5.87
P L9Q D . 1.57 -22.53 7.07
C1 L9Q D . 0.50 -20.56 8.42
C2 L9Q D . 0.99 -19.19 8.86
O2 L9Q D . 0.52 -18.90 10.18
C3 L9Q D . 2.52 -19.21 8.87
O3 L9Q D . 3.03 -18.14 9.65
C4 L9Q D . 2.00 -23.74 4.73
C5 L9Q D . 2.90 -24.84 5.27
C11 L9Q D . 3.79 -18.38 10.87
O11 L9Q D . 4.32 -17.43 11.44
C12 L9Q D . 3.93 -19.76 11.44
C13 L9Q D . 5.34 -20.27 11.16
C14 L9Q D . 5.27 -21.53 10.33
C15 L9Q D . 5.99 -21.32 9.01
C16 L9Q D . 7.48 -21.49 9.22
C17 L9Q D . 8.06 -22.56 8.32
C18 L9Q D . 7.53 -22.43 6.90
C19 L9Q D . 8.54 -21.73 6.01
O1P L9Q D . 0.27 -23.30 7.15
C20 L9Q D . 9.97 -22.05 6.42
C21 L9Q D . 10.80 -22.47 5.21
C22 L9Q D . 12.12 -23.10 5.64
C23 L9Q D . 11.95 -24.61 5.74
C24 L9Q D . 11.08 -25.13 4.60
C25 L9Q D . 11.06 -26.65 4.57
C26 L9Q D . 11.98 -27.21 5.64
C27 L9Q D . 12.24 -28.69 5.42
C28 L9Q D . 11.44 -29.20 4.25
O2P L9Q D . 2.72 -22.86 8.00
C31 L9Q D . -0.61 -17.98 10.17
O31 L9Q D . -1.16 -17.73 9.12
C32 L9Q D . -1.10 -17.36 11.46
C33 L9Q D . -0.60 -15.93 11.57
C34 L9Q D . -1.64 -14.99 12.17
C35 L9Q D . -1.00 -13.68 12.63
C36 L9Q D . -0.46 -12.88 11.45
C37 L9Q D . -0.71 -11.39 11.66
C38 L9Q D . 0.38 -10.54 11.03
C39 L9Q D . 0.02 -9.06 11.10
O3P L9Q D . 1.22 -20.97 7.27
C40 L9Q D . -1.46 -8.89 11.42
C41 L9Q D . -1.78 -7.70 12.32
C42 L9Q D . -1.78 -6.37 11.59
C43 L9Q D . -1.21 -5.27 12.48
C44 L9Q D . 0.27 -5.02 12.18
C45 L9Q D . 0.54 -5.02 10.68
C46 L9Q D . 1.89 -5.66 10.36
C47 L9Q D . 2.37 -5.27 8.98
C48 L9Q D . 3.33 -6.32 8.44
O4P L9Q D . 2.10 -22.57 5.55
#